data_6ZS3
#
_entry.id   6ZS3
#
_cell.length_a   56.180
_cell.length_b   41.190
_cell.length_c   133.907
_cell.angle_alpha   90.000
_cell.angle_beta   96.347
_cell.angle_gamma   90.000
#
_symmetry.space_group_name_H-M   'I 1 2 1'
#
loop_
_entity.id
_entity.type
_entity.pdbx_description
1 polymer 'Protein polybromo-1'
2 non-polymer 2-(6-azanyl-5-piperazin-4-ium-1-yl-pyridazin-3-yl)phenol
3 non-polymer 1,2-ETHANEDIOL
4 water water
#
_entity_poly.entity_id   1
_entity_poly.type   'polypeptide(L)'
_entity_poly.pdbx_seq_one_letter_code
;SMSGISPKKSKYMTPMQQKLNEVYEAVKNYTDKRGRRLSAIFLRLPSRSELPDYYLTIKKPMDMEKIRSHMMANKYQDID
SMVEDFVMMFNNACTYNEPESLIYKDALVLHKVLLETRRDLEGD
;
_entity_poly.pdbx_strand_id   A,B
#
# COMPACT_ATOMS: atom_id res chain seq x y z
N TYR A 12 -3.38 -18.37 -20.37
CA TYR A 12 -2.34 -18.91 -19.51
C TYR A 12 -1.08 -18.08 -19.66
N MET A 13 -0.26 -18.03 -18.62
CA MET A 13 0.97 -17.25 -18.69
C MET A 13 2.18 -18.15 -18.90
N THR A 14 3.19 -17.59 -19.54
CA THR A 14 4.40 -18.34 -19.87
C THR A 14 5.20 -18.63 -18.60
N PRO A 15 6.04 -19.65 -18.64
CA PRO A 15 6.99 -19.85 -17.52
C PRO A 15 7.77 -18.59 -17.16
N MET A 16 8.22 -17.84 -18.16
CA MET A 16 8.91 -16.59 -17.86
C MET A 16 7.98 -15.61 -17.14
N GLN A 17 6.72 -15.51 -17.58
CA GLN A 17 5.78 -14.65 -16.86
C GLN A 17 5.61 -15.12 -15.42
N GLN A 18 5.61 -16.44 -15.20
CA GLN A 18 5.46 -16.95 -13.84
C GLN A 18 6.67 -16.60 -12.99
N LYS A 19 7.87 -16.64 -13.58
CA LYS A 19 9.08 -16.26 -12.85
C LYS A 19 9.08 -14.76 -12.57
N LEU A 20 8.72 -13.95 -13.55
CA LEU A 20 8.57 -12.51 -13.33
C LEU A 20 7.57 -12.22 -12.22
N ASN A 21 6.46 -12.98 -12.20
CA ASN A 21 5.45 -12.75 -11.18
C ASN A 21 5.98 -13.12 -9.80
N GLU A 22 6.79 -14.17 -9.72
CA GLU A 22 7.37 -14.53 -8.43
C GLU A 22 8.27 -13.41 -7.89
N VAL A 23 9.06 -12.78 -8.77
CA VAL A 23 9.90 -11.66 -8.34
C VAL A 23 9.03 -10.47 -7.95
N TYR A 24 8.03 -10.15 -8.78
CA TYR A 24 7.13 -9.04 -8.47
C TYR A 24 6.44 -9.24 -7.13
N GLU A 25 5.88 -10.43 -6.91
CA GLU A 25 5.17 -10.70 -5.66
C GLU A 25 6.09 -10.66 -4.46
N ALA A 26 7.35 -11.07 -4.63
CA ALA A 26 8.27 -11.06 -3.52
C ALA A 26 8.51 -9.63 -3.03
N VAL A 27 8.64 -8.70 -3.98
CA VAL A 27 8.79 -7.30 -3.62
C VAL A 27 7.47 -6.77 -3.06
N LYS A 28 6.37 -7.01 -3.78
CA LYS A 28 5.07 -6.53 -3.33
C LYS A 28 4.74 -6.99 -1.91
N ASN A 29 5.01 -8.26 -1.61
CA ASN A 29 4.47 -8.87 -0.40
C ASN A 29 5.46 -8.92 0.76
N TYR A 30 6.69 -8.44 0.56
CA TYR A 30 7.66 -8.40 1.65
C TYR A 30 7.09 -7.59 2.80
N THR A 31 7.20 -8.14 4.02
CA THR A 31 6.78 -7.43 5.22
C THR A 31 7.95 -7.32 6.20
N ASP A 32 7.98 -6.22 6.93
CA ASP A 32 8.97 -6.05 7.99
C ASP A 32 8.51 -6.81 9.23
N LYS A 33 9.23 -6.63 10.35
CA LYS A 33 8.91 -7.33 11.59
C LYS A 33 7.55 -6.93 12.15
N ARG A 34 7.02 -5.77 11.75
CA ARG A 34 5.71 -5.34 12.21
C ARG A 34 4.57 -5.78 11.31
N GLY A 35 4.86 -6.40 10.18
CA GLY A 35 3.84 -6.84 9.25
C GLY A 35 3.47 -5.82 8.19
N ARG A 36 4.23 -4.74 8.06
CA ARG A 36 3.95 -3.70 7.08
C ARG A 36 4.60 -4.07 5.75
N ARG A 37 3.82 -4.01 4.67
CA ARG A 37 4.34 -4.17 3.33
C ARG A 37 4.98 -2.86 2.90
N LEU A 38 6.31 -2.86 2.77
CA LEU A 38 7.06 -1.67 2.37
C LEU A 38 6.73 -1.22 0.95
N SER A 39 6.11 -2.09 0.15
CA SER A 39 5.77 -1.76 -1.23
C SER A 39 4.67 -0.71 -1.35
N ALA A 40 3.89 -0.47 -0.29
CA ALA A 40 2.62 0.24 -0.43
C ALA A 40 2.76 1.61 -1.11
N ILE A 41 3.73 2.42 -0.67
CA ILE A 41 3.87 3.76 -1.26
C ILE A 41 4.33 3.71 -2.71
N PHE A 42 4.95 2.62 -3.14
CA PHE A 42 5.51 2.52 -4.49
C PHE A 42 4.52 1.99 -5.52
N LEU A 43 3.29 1.65 -5.10
CA LEU A 43 2.38 1.02 -6.06
C LEU A 43 1.97 1.99 -7.17
N ARG A 44 1.81 3.26 -6.85
CA ARG A 44 1.37 4.25 -7.81
C ARG A 44 1.99 5.60 -7.48
N LEU A 45 2.64 6.21 -8.46
CA LEU A 45 3.24 7.53 -8.28
C LEU A 45 2.17 8.58 -8.01
N PRO A 46 2.49 9.62 -7.24
CA PRO A 46 1.66 10.83 -7.26
C PRO A 46 1.57 11.40 -8.67
N SER A 47 0.43 12.04 -8.95
CA SER A 47 0.25 12.67 -10.26
C SER A 47 1.20 13.85 -10.45
N ARG A 48 1.38 14.23 -11.72
CA ARG A 48 2.13 15.45 -12.01
C ARG A 48 1.43 16.67 -11.44
N SER A 49 0.09 16.66 -11.41
CA SER A 49 -0.64 17.75 -10.79
C SER A 49 -0.39 17.77 -9.28
N GLU A 50 -0.41 16.60 -8.66
CA GLU A 50 -0.24 16.47 -7.20
C GLU A 50 1.13 16.97 -6.75
N LEU A 51 2.19 16.50 -7.42
CA LEU A 51 3.56 16.70 -6.96
C LEU A 51 4.43 17.03 -8.16
N PRO A 52 4.25 18.22 -8.74
CA PRO A 52 4.99 18.57 -9.95
C PRO A 52 6.50 18.57 -9.79
N ASP A 53 7.02 18.85 -8.59
CA ASP A 53 8.47 18.94 -8.46
C ASP A 53 9.13 17.58 -8.46
N TYR A 54 8.39 16.50 -8.16
CA TYR A 54 8.96 15.17 -8.33
C TYR A 54 9.44 14.97 -9.75
N TYR A 55 8.62 15.39 -10.73
CA TYR A 55 8.88 15.17 -12.13
C TYR A 55 9.90 16.13 -12.72
N LEU A 56 10.27 17.19 -11.99
CA LEU A 56 11.40 18.02 -12.39
C LEU A 56 12.71 17.42 -11.92
N THR A 57 12.69 16.61 -10.86
CA THR A 57 13.89 15.97 -10.34
C THR A 57 14.12 14.59 -10.94
N ILE A 58 13.05 13.89 -11.32
CA ILE A 58 13.07 12.48 -11.70
C ILE A 58 12.76 12.39 -13.19
N LYS A 59 13.76 12.04 -14.00
CA LYS A 59 13.61 12.13 -15.45
C LYS A 59 12.90 10.94 -16.07
N LYS A 60 12.89 9.79 -15.39
CA LYS A 60 12.21 8.61 -15.90
C LYS A 60 11.33 8.02 -14.81
N PRO A 61 10.10 8.51 -14.67
CA PRO A 61 9.23 8.04 -13.59
C PRO A 61 8.89 6.56 -13.73
N MET A 62 8.74 5.90 -12.58
CA MET A 62 8.43 4.48 -12.55
C MET A 62 7.66 4.16 -11.28
N ASP A 63 6.71 3.22 -11.36
CA ASP A 63 6.05 2.71 -10.17
C ASP A 63 5.70 1.23 -10.40
N MET A 64 5.08 0.63 -9.39
CA MET A 64 4.81 -0.81 -9.51
C MET A 64 3.60 -1.10 -10.39
N GLU A 65 2.66 -0.15 -10.48
CA GLU A 65 1.57 -0.25 -11.46
C GLU A 65 2.13 -0.41 -12.87
N LYS A 66 3.09 0.44 -13.25
CA LYS A 66 3.70 0.32 -14.57
C LYS A 66 4.35 -1.04 -14.76
N ILE A 67 5.12 -1.49 -13.77
CA ILE A 67 5.84 -2.75 -13.90
C ILE A 67 4.87 -3.92 -14.03
N ARG A 68 3.83 -3.94 -13.19
CA ARG A 68 2.89 -5.07 -13.22
C ARG A 68 2.19 -5.18 -14.57
N SER A 69 1.74 -4.05 -15.12
CA SER A 69 1.02 -4.12 -16.38
C SER A 69 1.94 -4.54 -17.53
N HIS A 70 3.20 -4.12 -17.49
CA HIS A 70 4.16 -4.60 -18.46
C HIS A 70 4.35 -6.10 -18.36
N MET A 71 4.47 -6.61 -17.13
CA MET A 71 4.64 -8.04 -16.93
C MET A 71 3.40 -8.80 -17.40
N MET A 72 2.21 -8.33 -17.04
CA MET A 72 0.99 -9.00 -17.44
C MET A 72 0.67 -8.83 -18.92
N ALA A 73 1.30 -7.85 -19.58
CA ALA A 73 1.27 -7.74 -21.03
C ALA A 73 2.34 -8.58 -21.72
N ASN A 74 3.03 -9.45 -20.97
CA ASN A 74 4.02 -10.38 -21.53
C ASN A 74 5.08 -9.66 -22.35
N LYS A 75 5.53 -8.51 -21.85
CA LYS A 75 6.49 -7.68 -22.58
C LYS A 75 7.91 -7.78 -22.06
N TYR A 76 8.12 -8.23 -20.82
CA TYR A 76 9.47 -8.45 -20.30
C TYR A 76 10.03 -9.74 -20.90
N GLN A 77 11.18 -9.64 -21.58
CA GLN A 77 11.78 -10.83 -22.16
CA GLN A 77 11.80 -10.82 -22.17
C GLN A 77 12.64 -11.60 -21.17
N ASP A 78 13.00 -11.01 -20.04
CA ASP A 78 13.75 -11.73 -19.00
C ASP A 78 13.61 -11.03 -17.65
N ILE A 79 14.24 -11.63 -16.64
CA ILE A 79 14.11 -11.12 -15.27
C ILE A 79 14.90 -9.83 -15.09
N ASP A 80 16.08 -9.72 -15.71
CA ASP A 80 16.89 -8.52 -15.53
C ASP A 80 16.16 -7.28 -16.01
N SER A 81 15.34 -7.39 -17.06
CA SER A 81 14.61 -6.23 -17.55
C SER A 81 13.64 -5.72 -16.49
N MET A 82 12.99 -6.62 -15.77
CA MET A 82 12.10 -6.17 -14.70
C MET A 82 12.89 -5.58 -13.55
N VAL A 83 13.96 -6.28 -13.13
CA VAL A 83 14.81 -5.79 -12.06
C VAL A 83 15.29 -4.38 -12.37
N GLU A 84 15.70 -4.12 -13.62
CA GLU A 84 16.18 -2.78 -13.96
C GLU A 84 15.09 -1.73 -13.73
N ASP A 85 13.83 -2.05 -14.02
CA ASP A 85 12.77 -1.08 -13.77
C ASP A 85 12.53 -0.88 -12.26
N PHE A 86 12.60 -1.95 -11.47
CA PHE A 86 12.51 -1.79 -10.02
C PHE A 86 13.65 -0.92 -9.49
N VAL A 87 14.86 -1.16 -9.99
CA VAL A 87 16.03 -0.41 -9.53
C VAL A 87 15.88 1.06 -9.87
N MET A 88 15.40 1.36 -11.08
CA MET A 88 15.12 2.75 -11.44
CA MET A 88 15.14 2.75 -11.42
C MET A 88 14.14 3.38 -10.46
N MET A 89 13.06 2.66 -10.15
CA MET A 89 12.06 3.20 -9.24
C MET A 89 12.65 3.47 -7.86
N PHE A 90 13.41 2.53 -7.31
CA PHE A 90 14.00 2.75 -6.00
C PHE A 90 15.07 3.84 -6.03
N ASN A 91 15.89 3.88 -7.09
CA ASN A 91 16.82 4.98 -7.28
C ASN A 91 16.10 6.32 -7.34
N ASN A 92 14.95 6.37 -8.04
CA ASN A 92 14.16 7.60 -8.11
C ASN A 92 13.69 8.03 -6.71
N ALA A 93 13.12 7.09 -5.96
CA ALA A 93 12.66 7.38 -4.61
C ALA A 93 13.79 7.94 -3.75
N CYS A 94 15.00 7.39 -3.89
CA CYS A 94 16.11 7.81 -3.05
C CYS A 94 16.78 9.07 -3.59
N THR A 95 16.52 9.46 -4.84
CA THR A 95 16.95 10.76 -5.35
C THR A 95 16.04 11.88 -4.86
N TYR A 96 14.73 11.65 -4.87
CA TYR A 96 13.76 12.67 -4.49
C TYR A 96 13.70 12.87 -2.98
N ASN A 97 13.77 11.81 -2.19
CA ASN A 97 13.64 11.90 -0.75
C ASN A 97 15.01 11.96 -0.07
N GLU A 98 15.03 12.56 1.11
CA GLU A 98 16.26 12.65 1.89
C GLU A 98 16.59 11.29 2.52
N PRO A 99 17.88 11.02 2.78
CA PRO A 99 18.26 9.72 3.36
C PRO A 99 17.66 9.44 4.72
N GLU A 100 17.26 10.48 5.46
CA GLU A 100 16.66 10.32 6.77
C GLU A 100 15.20 9.90 6.71
N SER A 101 14.58 9.96 5.53
CA SER A 101 13.15 9.77 5.43
C SER A 101 12.79 8.29 5.35
N LEU A 102 11.55 8.02 5.73
CA LEU A 102 11.08 6.63 5.74
C LEU A 102 11.00 6.04 4.33
N ILE A 103 10.53 6.81 3.34
CA ILE A 103 10.40 6.26 2.00
C ILE A 103 11.76 5.88 1.44
N TYR A 104 12.77 6.71 1.71
CA TYR A 104 14.14 6.40 1.31
C TYR A 104 14.60 5.07 1.91
N LYS A 105 14.37 4.89 3.20
CA LYS A 105 14.82 3.66 3.88
C LYS A 105 14.04 2.44 3.41
N ASP A 106 12.72 2.60 3.18
CA ASP A 106 11.94 1.52 2.61
C ASP A 106 12.46 1.13 1.24
N ALA A 107 12.81 2.12 0.41
CA ALA A 107 13.35 1.81 -0.93
C ALA A 107 14.66 1.03 -0.83
N LEU A 108 15.55 1.40 0.10
CA LEU A 108 16.79 0.65 0.27
C LEU A 108 16.50 -0.81 0.57
N VAL A 109 15.62 -1.06 1.54
CA VAL A 109 15.35 -2.44 1.95
C VAL A 109 14.73 -3.22 0.80
N LEU A 110 13.78 -2.62 0.09
CA LEU A 110 13.14 -3.36 -1.00
C LEU A 110 14.09 -3.59 -2.17
N HIS A 111 15.03 -2.67 -2.41
CA HIS A 111 16.05 -2.92 -3.42
C HIS A 111 16.88 -4.14 -3.05
N LYS A 112 17.27 -4.26 -1.77
CA LYS A 112 18.00 -5.43 -1.32
C LYS A 112 17.14 -6.69 -1.43
N VAL A 113 15.85 -6.58 -1.09
CA VAL A 113 14.94 -7.72 -1.23
C VAL A 113 14.87 -8.17 -2.68
N LEU A 114 14.82 -7.21 -3.61
CA LEU A 114 14.78 -7.53 -5.03
C LEU A 114 15.98 -8.36 -5.45
N LEU A 115 17.18 -7.91 -5.07
CA LEU A 115 18.40 -8.60 -5.48
C LEU A 115 18.50 -10.00 -4.87
N GLU A 116 18.12 -10.14 -3.60
CA GLU A 116 18.14 -11.46 -2.95
C GLU A 116 17.15 -12.40 -3.60
N THR A 117 15.99 -11.88 -4.00
CA THR A 117 15.01 -12.68 -4.71
C THR A 117 15.55 -13.16 -6.05
N ARG A 118 16.20 -12.27 -6.79
CA ARG A 118 16.78 -12.69 -8.07
C ARG A 118 17.86 -13.75 -7.87
N ARG A 119 18.70 -13.58 -6.84
CA ARG A 119 19.73 -14.58 -6.56
C ARG A 119 19.11 -15.94 -6.21
N ASP A 120 18.06 -15.95 -5.39
CA ASP A 120 17.43 -17.21 -5.00
C ASP A 120 16.80 -17.90 -6.20
N LEU A 121 16.20 -17.15 -7.10
CA LEU A 121 15.58 -17.71 -8.30
C LEU A 121 16.60 -17.87 -9.42
N LYS B 11 -12.11 -19.16 20.29
CA LYS B 11 -11.44 -19.18 18.99
C LYS B 11 -12.42 -18.96 17.84
N TYR B 12 -13.71 -19.13 18.12
CA TYR B 12 -14.75 -19.00 17.12
C TYR B 12 -15.33 -17.58 17.10
N MET B 13 -16.09 -17.28 16.06
CA MET B 13 -16.57 -15.93 15.79
C MET B 13 -18.08 -15.87 15.98
N THR B 14 -18.54 -14.83 16.67
CA THR B 14 -19.96 -14.60 16.81
C THR B 14 -20.57 -14.24 15.46
N PRO B 15 -21.89 -14.33 15.33
CA PRO B 15 -22.54 -13.81 14.11
C PRO B 15 -22.18 -12.36 13.82
N MET B 16 -22.18 -11.50 14.86
CA MET B 16 -21.80 -10.10 14.65
C MET B 16 -20.39 -9.97 14.10
N GLN B 17 -19.44 -10.70 14.69
CA GLN B 17 -18.05 -10.65 14.21
C GLN B 17 -17.96 -11.06 12.74
N GLN B 18 -18.75 -12.07 12.33
CA GLN B 18 -18.74 -12.49 10.93
C GLN B 18 -19.34 -11.42 10.04
N LYS B 19 -20.36 -10.72 10.52
CA LYS B 19 -20.89 -9.58 9.78
C LYS B 19 -19.85 -8.46 9.68
N LEU B 20 -19.23 -8.10 10.81
CA LEU B 20 -18.16 -7.11 10.77
C LEU B 20 -17.04 -7.53 9.83
N ASN B 21 -16.71 -8.83 9.82
CA ASN B 21 -15.63 -9.29 8.97
C ASN B 21 -15.99 -9.19 7.48
N GLU B 22 -17.28 -9.35 7.15
CA GLU B 22 -17.72 -9.14 5.79
C GLU B 22 -17.51 -7.69 5.36
N VAL B 23 -17.77 -6.74 6.25
CA VAL B 23 -17.57 -5.34 5.93
C VAL B 23 -16.10 -5.04 5.81
N TYR B 24 -15.30 -5.51 6.77
CA TYR B 24 -13.86 -5.30 6.73
C TYR B 24 -13.27 -5.82 5.43
N GLU B 25 -13.60 -7.06 5.06
CA GLU B 25 -13.01 -7.66 3.86
C GLU B 25 -13.45 -6.94 2.60
N ALA B 26 -14.67 -6.42 2.56
CA ALA B 26 -15.10 -5.61 1.42
C ALA B 26 -14.22 -4.38 1.25
N VAL B 27 -13.91 -3.69 2.34
CA VAL B 27 -13.03 -2.52 2.28
C VAL B 27 -11.62 -2.95 1.90
N LYS B 28 -11.12 -4.02 2.52
CA LYS B 28 -9.74 -4.44 2.26
C LYS B 28 -9.55 -4.88 0.81
N ASN B 29 -10.55 -5.57 0.24
CA ASN B 29 -10.40 -6.22 -1.06
C ASN B 29 -10.87 -5.36 -2.24
N TYR B 30 -11.35 -4.15 -1.98
CA TYR B 30 -11.82 -3.29 -3.06
C TYR B 30 -10.68 -2.91 -4.01
N THR B 31 -10.97 -2.94 -5.32
CA THR B 31 -10.00 -2.53 -6.32
C THR B 31 -10.62 -1.51 -7.26
N ASP B 32 -9.77 -0.61 -7.77
CA ASP B 32 -10.19 0.36 -8.78
C ASP B 32 -10.15 -0.27 -10.17
N LYS B 33 -10.43 0.55 -11.19
CA LYS B 33 -10.57 0.05 -12.55
C LYS B 33 -9.25 -0.49 -13.12
N ARG B 34 -8.12 -0.06 -12.56
CA ARG B 34 -6.83 -0.64 -12.93
C ARG B 34 -6.46 -1.84 -12.06
N GLY B 35 -7.31 -2.25 -11.13
CA GLY B 35 -7.02 -3.40 -10.30
C GLY B 35 -6.19 -3.11 -9.07
N ARG B 36 -6.03 -1.83 -8.69
CA ARG B 36 -5.25 -1.49 -7.52
C ARG B 36 -6.10 -1.61 -6.26
N ARG B 37 -5.56 -2.27 -5.24
CA ARG B 37 -6.26 -2.39 -3.96
C ARG B 37 -6.02 -1.11 -3.17
N LEU B 38 -7.07 -0.31 -3.00
CA LEU B 38 -6.93 1.00 -2.38
C LEU B 38 -6.56 0.90 -0.92
N SER B 39 -6.81 -0.23 -0.27
CA SER B 39 -6.50 -0.41 1.14
C SER B 39 -5.01 -0.55 1.43
N ALA B 40 -4.15 -0.75 0.41
CA ALA B 40 -2.74 -1.10 0.65
C ALA B 40 -2.07 -0.21 1.69
N ILE B 41 -2.19 1.11 1.54
CA ILE B 41 -1.49 2.01 2.46
C ILE B 41 -2.11 2.05 3.85
N PHE B 42 -3.36 1.60 3.99
CA PHE B 42 -4.05 1.71 5.26
C PHE B 42 -3.90 0.47 6.12
N LEU B 43 -3.26 -0.60 5.62
CA LEU B 43 -3.25 -1.84 6.40
C LEU B 43 -2.41 -1.69 7.66
N ARG B 44 -1.24 -1.08 7.56
CA ARG B 44 -0.34 -1.05 8.71
C ARG B 44 0.40 0.27 8.71
N LEU B 45 0.05 1.15 9.64
CA LEU B 45 0.82 2.37 9.83
C LEU B 45 2.25 2.02 10.22
N PRO B 46 3.25 2.77 9.74
CA PRO B 46 4.61 2.58 10.23
C PRO B 46 4.66 2.79 11.74
N SER B 47 5.80 2.44 12.32
CA SER B 47 5.89 2.54 13.76
C SER B 47 6.10 3.99 14.18
N ARG B 48 5.92 4.20 15.49
CA ARG B 48 6.20 5.47 16.12
C ARG B 48 7.59 6.00 15.76
N SER B 49 8.62 5.15 15.78
CA SER B 49 9.96 5.61 15.49
C SER B 49 10.20 5.81 14.00
N GLU B 50 9.41 5.16 13.14
CA GLU B 50 9.55 5.33 11.70
C GLU B 50 8.88 6.60 11.20
N LEU B 51 7.75 6.99 11.82
CA LEU B 51 6.94 8.11 11.33
C LEU B 51 6.50 8.96 12.52
N PRO B 52 7.44 9.58 13.23
CA PRO B 52 7.08 10.30 14.46
C PRO B 52 6.14 11.47 14.23
N ASP B 53 6.30 12.18 13.12
N ASP B 53 6.28 12.19 13.12
CA ASP B 53 5.46 13.34 12.83
CA ASP B 53 5.43 13.36 12.90
C ASP B 53 3.98 12.95 12.74
C ASP B 53 3.96 12.95 12.75
N TYR B 54 3.69 11.78 12.20
CA TYR B 54 2.32 11.29 12.15
C TYR B 54 1.72 11.15 13.55
N TYR B 55 2.40 10.40 14.42
CA TYR B 55 1.86 10.08 15.74
C TYR B 55 1.73 11.33 16.62
N LEU B 56 2.46 12.38 16.31
CA LEU B 56 2.36 13.59 17.12
C LEU B 56 1.33 14.58 16.62
N THR B 57 0.91 14.50 15.35
CA THR B 57 -0.10 15.40 14.81
C THR B 57 -1.48 14.76 14.69
N ILE B 58 -1.58 13.46 14.92
CA ILE B 58 -2.82 12.71 14.77
C ILE B 58 -3.17 12.16 16.15
N LYS B 59 -4.28 12.63 16.74
CA LYS B 59 -4.56 12.34 18.14
C LYS B 59 -4.68 10.83 18.40
N LYS B 60 -5.35 10.10 17.52
CA LYS B 60 -5.67 8.68 17.73
C LYS B 60 -5.31 7.89 16.49
N PRO B 61 -4.06 7.47 16.36
CA PRO B 61 -3.67 6.69 15.18
C PRO B 61 -4.44 5.38 15.11
N MET B 62 -4.69 4.95 13.88
CA MET B 62 -5.54 3.79 13.62
C MET B 62 -5.18 3.24 12.25
N ASP B 63 -5.05 1.92 12.15
CA ASP B 63 -4.90 1.32 10.83
C ASP B 63 -5.83 0.12 10.76
N MET B 64 -5.84 -0.53 9.60
CA MET B 64 -6.82 -1.57 9.37
C MET B 64 -6.47 -2.84 10.13
N GLU B 65 -5.19 -3.09 10.40
CA GLU B 65 -4.89 -4.27 11.20
C GLU B 65 -5.30 -4.07 12.67
N LYS B 66 -5.26 -2.82 13.16
CA LYS B 66 -5.78 -2.56 14.51
C LYS B 66 -7.29 -2.75 14.56
N ILE B 67 -8.02 -2.27 13.54
CA ILE B 67 -9.45 -2.52 13.44
C ILE B 67 -9.73 -4.02 13.41
N ARG B 68 -8.92 -4.76 12.67
CA ARG B 68 -9.15 -6.19 12.57
C ARG B 68 -8.90 -6.88 13.91
N SER B 69 -7.88 -6.43 14.65
CA SER B 69 -7.64 -7.08 15.94
C SER B 69 -8.73 -6.72 16.93
N HIS B 70 -9.26 -5.49 16.85
CA HIS B 70 -10.40 -5.12 17.70
C HIS B 70 -11.62 -5.96 17.34
N MET B 71 -11.84 -6.20 16.05
CA MET B 71 -12.97 -7.00 15.62
C MET B 71 -12.85 -8.42 16.14
N MET B 72 -11.66 -9.01 16.03
CA MET B 72 -11.49 -10.38 16.50
C MET B 72 -11.45 -10.47 18.02
N ALA B 73 -11.24 -9.36 18.72
CA ALA B 73 -11.30 -9.33 20.17
C ALA B 73 -12.71 -9.07 20.69
N ASN B 74 -13.69 -9.03 19.80
CA ASN B 74 -15.10 -8.81 20.15
C ASN B 74 -15.28 -7.47 20.87
N LYS B 75 -14.57 -6.46 20.40
CA LYS B 75 -14.64 -5.13 20.98
C LYS B 75 -15.64 -4.23 20.27
N TYR B 76 -16.20 -4.66 19.15
CA TYR B 76 -17.16 -3.84 18.41
C TYR B 76 -18.57 -4.34 18.72
N GLN B 77 -19.42 -3.42 19.17
CA GLN B 77 -20.79 -3.78 19.52
C GLN B 77 -21.61 -4.06 18.27
N ASP B 78 -21.39 -3.30 17.20
CA ASP B 78 -22.15 -3.44 15.97
C ASP B 78 -21.36 -2.80 14.84
N ILE B 79 -21.97 -2.74 13.66
CA ILE B 79 -21.28 -2.23 12.48
C ILE B 79 -20.94 -0.76 12.66
N ASP B 80 -21.83 0.00 13.30
CA ASP B 80 -21.56 1.43 13.52
C ASP B 80 -20.34 1.64 14.38
N SER B 81 -20.14 0.78 15.39
CA SER B 81 -18.95 0.90 16.22
C SER B 81 -17.68 0.71 15.40
N MET B 82 -17.70 -0.22 14.44
CA MET B 82 -16.52 -0.42 13.60
C MET B 82 -16.37 0.70 12.60
N VAL B 83 -17.50 1.16 12.03
CA VAL B 83 -17.47 2.31 11.12
C VAL B 83 -16.80 3.51 11.78
N GLU B 84 -17.04 3.71 13.08
CA GLU B 84 -16.41 4.83 13.78
C GLU B 84 -14.89 4.80 13.65
N ASP B 85 -14.29 3.62 13.80
CA ASP B 85 -12.83 3.53 13.75
C ASP B 85 -12.32 3.69 12.31
N PHE B 86 -13.04 3.17 11.33
CA PHE B 86 -12.73 3.44 9.93
C PHE B 86 -12.81 4.93 9.64
N VAL B 87 -13.88 5.57 10.13
CA VAL B 87 -14.05 7.01 9.93
C VAL B 87 -12.87 7.77 10.50
N MET B 88 -12.44 7.42 11.71
CA MET B 88 -11.29 8.06 12.32
C MET B 88 -10.03 7.83 11.50
N MET B 89 -9.80 6.59 11.07
CA MET B 89 -8.64 6.28 10.25
C MET B 89 -8.62 7.11 8.97
N PHE B 90 -9.75 7.17 8.27
CA PHE B 90 -9.79 7.93 7.02
C PHE B 90 -9.66 9.42 7.27
N ASN B 91 -10.27 9.91 8.36
CA ASN B 91 -10.09 11.30 8.75
C ASN B 91 -8.63 11.60 9.06
N ASN B 92 -7.96 10.69 9.77
CA ASN B 92 -6.55 10.85 10.05
C ASN B 92 -5.73 10.95 8.76
N ALA B 93 -5.94 10.02 7.83
CA ALA B 93 -5.24 10.05 6.55
C ALA B 93 -5.46 11.39 5.84
N CYS B 94 -6.68 11.93 5.92
CA CYS B 94 -7.03 13.17 5.24
C CYS B 94 -6.54 14.40 5.99
N THR B 95 -6.02 14.23 7.20
CA THR B 95 -5.36 15.30 7.94
C THR B 95 -3.87 15.38 7.60
N TYR B 96 -3.24 14.21 7.49
CA TYR B 96 -1.81 14.10 7.27
C TYR B 96 -1.44 14.38 5.82
N ASN B 97 -2.31 14.01 4.89
CA ASN B 97 -2.08 14.10 3.46
C ASN B 97 -2.91 15.22 2.86
N GLU B 98 -2.41 15.77 1.77
CA GLU B 98 -3.08 16.90 1.16
C GLU B 98 -4.31 16.47 0.37
N PRO B 99 -5.31 17.34 0.26
CA PRO B 99 -6.53 16.99 -0.49
C PRO B 99 -6.26 16.55 -1.91
N GLU B 100 -5.20 17.06 -2.54
CA GLU B 100 -4.85 16.67 -3.90
C GLU B 100 -4.20 15.28 -3.97
N SER B 101 -3.88 14.67 -2.83
CA SER B 101 -3.03 13.49 -2.85
C SER B 101 -3.84 12.21 -3.10
N LEU B 102 -3.12 11.19 -3.57
CA LEU B 102 -3.74 9.90 -3.84
C LEU B 102 -4.25 9.25 -2.55
N ILE B 103 -3.51 9.39 -1.45
CA ILE B 103 -3.96 8.78 -0.21
C ILE B 103 -5.26 9.44 0.25
N TYR B 104 -5.35 10.76 0.16
CA TYR B 104 -6.56 11.46 0.55
C TYR B 104 -7.76 11.01 -0.31
N LYS B 105 -7.56 10.94 -1.63
CA LYS B 105 -8.65 10.53 -2.51
C LYS B 105 -9.04 9.07 -2.28
N ASP B 106 -8.04 8.20 -2.06
CA ASP B 106 -8.32 6.80 -1.79
C ASP B 106 -9.16 6.64 -0.53
N ALA B 107 -8.89 7.45 0.49
CA ALA B 107 -9.65 7.39 1.73
C ALA B 107 -11.11 7.77 1.51
N LEU B 108 -11.35 8.79 0.68
CA LEU B 108 -12.73 9.15 0.35
C LEU B 108 -13.42 7.98 -0.34
N VAL B 109 -12.75 7.33 -1.31
CA VAL B 109 -13.37 6.24 -2.05
C VAL B 109 -13.69 5.08 -1.12
N LEU B 110 -12.73 4.70 -0.27
CA LEU B 110 -12.96 3.58 0.64
C LEU B 110 -14.02 3.90 1.69
N HIS B 111 -14.13 5.16 2.11
CA HIS B 111 -15.22 5.53 3.01
C HIS B 111 -16.56 5.29 2.34
N LYS B 112 -16.70 5.69 1.09
CA LYS B 112 -17.90 5.39 0.32
C LYS B 112 -18.14 3.89 0.20
N VAL B 113 -17.09 3.11 -0.06
CA VAL B 113 -17.23 1.66 -0.13
C VAL B 113 -17.72 1.10 1.20
N LEU B 114 -17.15 1.61 2.30
CA LEU B 114 -17.59 1.23 3.64
C LEU B 114 -19.09 1.45 3.84
N LEU B 115 -19.58 2.65 3.52
CA LEU B 115 -20.98 2.94 3.79
C LEU B 115 -21.90 2.16 2.85
N GLU B 116 -21.51 2.03 1.57
CA GLU B 116 -22.30 1.22 0.65
C GLU B 116 -22.40 -0.22 1.13
N THR B 117 -21.29 -0.78 1.61
CA THR B 117 -21.31 -2.14 2.14
C THR B 117 -22.25 -2.24 3.34
N ARG B 118 -22.19 -1.26 4.25
CA ARG B 118 -23.11 -1.26 5.39
C ARG B 118 -24.56 -1.23 4.91
N ARG B 119 -24.86 -0.42 3.89
CA ARG B 119 -26.23 -0.30 3.43
C ARG B 119 -26.80 -1.64 2.97
N ASP B 120 -25.97 -2.46 2.35
CA ASP B 120 -26.40 -3.83 2.02
C ASP B 120 -25.60 -4.86 2.80
#